data_2GQG
#
_entry.id   2GQG
#
_cell.length_a   105.192
_cell.length_b   105.192
_cell.length_c   111.100
_cell.angle_alpha   90.00
_cell.angle_beta   90.00
_cell.angle_gamma   90.00
#
_symmetry.space_group_name_H-M   'P 43 21 2'
#
loop_
_entity.id
_entity.type
_entity.pdbx_description
1 polymer 'Proto-oncogene tyrosine-protein kinase ABL1'
2 non-polymer N-(2-CHLORO-6-METHYLPHENYL)-2-({6-[4-(2-HYDROXYETHYL)PIPERAZIN-1-YL]-2-METHYLPYRIMIDIN-4-YL}AMINO)-1,3-THIAZOLE-5-CARBOXAMIDE
3 non-polymer GLYCEROL
4 water water
#
_entity_poly.entity_id   1
_entity_poly.type   'polypeptide(L)'
_entity_poly.pdbx_seq_one_letter_code
;GAMDPSSPNYDKWEMERTDITMKHKLGGGQYGEVYEGVWKKYSLTVAVKTLKEDTMEVEEFLKEAAVMKEIKHPNLVQLL
GVCTREPPFYIITEFMTYGNLLDYLRECNRQEVNAVVLLYMATQISSAMEYLEKKNFIHRDLAARNCLVGENHLVKVADF
GLSRLMTGDT(PTR)TAHAGAKFPIKWTAPESLAYNKFSIKSDVWAFGVLLWEIATYGMSPYPGIDLSQVYELLEKDYRM
ERPEGCPEKVYELMRACWQWNPSDRPSFAEIHQAFETMFQES
;
_entity_poly.pdbx_strand_id   A,B
#
loop_
_chem_comp.id
_chem_comp.type
_chem_comp.name
_chem_comp.formula
1N1 non-polymer N-(2-CHLORO-6-METHYLPHENYL)-2-({6-[4-(2-HYDROXYETHYL)PIPERAZIN-1-YL]-2-METHYLPYRIMIDIN-4-YL}AMINO)-1,3-THIAZOLE-5-CARBOXAMIDE 'C22 H26 Cl N7 O2 S'
GOL non-polymer GLYCEROL 'C3 H8 O3'
#
# COMPACT_ATOMS: atom_id res chain seq x y z
N GLY A 1 50.79 -32.01 3.22
CA GLY A 1 49.58 -31.72 4.02
C GLY A 1 49.17 -30.26 3.86
N ALA A 2 48.21 -30.00 2.98
CA ALA A 2 47.73 -28.65 2.73
C ALA A 2 47.45 -27.90 4.02
N MET A 3 46.96 -28.63 5.03
CA MET A 3 46.64 -28.05 6.31
C MET A 3 47.87 -27.66 7.13
N ASP A 4 49.06 -27.99 6.62
CA ASP A 4 50.29 -27.65 7.34
C ASP A 4 50.95 -26.40 6.75
N PRO A 5 51.47 -25.52 7.62
CA PRO A 5 52.13 -24.28 7.20
C PRO A 5 53.27 -24.50 6.22
N SER A 6 53.95 -25.64 6.34
CA SER A 6 55.07 -25.96 5.45
C SER A 6 54.54 -26.18 4.03
N SER A 7 53.34 -26.73 3.93
CA SER A 7 52.73 -27.04 2.64
C SER A 7 52.68 -25.86 1.67
N PRO A 8 52.65 -26.17 0.37
CA PRO A 8 52.59 -25.15 -0.67
C PRO A 8 51.13 -24.82 -0.96
N ASN A 9 50.25 -25.74 -0.55
CA ASN A 9 48.81 -25.56 -0.73
C ASN A 9 48.17 -25.03 0.55
N TYR A 10 48.98 -24.51 1.47
CA TYR A 10 48.48 -23.98 2.73
C TYR A 10 47.68 -22.71 2.56
N ASP A 11 46.54 -22.63 3.25
CA ASP A 11 45.66 -21.47 3.19
C ASP A 11 45.20 -21.18 4.61
N LYS A 12 45.55 -20.03 5.15
CA LYS A 12 45.19 -19.71 6.52
C LYS A 12 43.68 -19.63 6.78
N TRP A 13 42.90 -19.47 5.73
CA TRP A 13 41.45 -19.38 5.91
C TRP A 13 40.78 -20.75 5.88
N GLU A 14 41.56 -21.77 5.50
CA GLU A 14 41.02 -23.13 5.45
C GLU A 14 41.05 -23.70 6.86
N MET A 15 39.93 -24.16 7.38
CA MET A 15 39.95 -24.71 8.71
C MET A 15 39.47 -26.14 8.74
N GLU A 16 39.96 -26.88 9.73
CA GLU A 16 39.61 -28.29 9.88
C GLU A 16 38.12 -28.47 10.04
N ARG A 17 37.51 -29.15 9.09
CA ARG A 17 36.06 -29.40 9.11
C ARG A 17 35.60 -30.05 10.41
N THR A 18 36.41 -30.98 10.94
CA THR A 18 36.06 -31.67 12.17
C THR A 18 36.29 -30.79 13.40
N ASP A 19 36.56 -29.52 13.18
CA ASP A 19 36.77 -28.60 14.29
C ASP A 19 35.45 -27.88 14.59
N ILE A 20 34.47 -28.10 13.73
CA ILE A 20 33.16 -27.49 13.89
C ILE A 20 32.04 -28.52 14.08
N THR A 21 31.07 -28.17 14.92
CA THR A 21 29.92 -29.02 15.18
C THR A 21 28.68 -28.33 14.63
N MET A 22 27.89 -29.07 13.85
CA MET A 22 26.68 -28.50 13.25
C MET A 22 25.44 -28.76 14.09
N LYS A 23 25.03 -27.76 14.86
CA LYS A 23 23.85 -27.87 15.72
C LYS A 23 22.56 -27.52 14.97
N HIS A 24 21.75 -26.69 15.60
CA HIS A 24 20.47 -26.26 15.02
C HIS A 24 20.62 -25.55 13.68
N LYS A 25 19.74 -25.88 12.74
CA LYS A 25 19.76 -25.23 11.44
C LYS A 25 19.06 -23.89 11.62
N LEU A 26 19.53 -22.86 10.92
CA LEU A 26 18.91 -21.55 11.07
C LEU A 26 18.16 -21.09 9.83
N GLY A 27 18.51 -21.68 8.68
CA GLY A 27 17.90 -21.34 7.40
C GLY A 27 16.54 -20.65 7.42
N GLY A 28 15.54 -21.31 6.84
CA GLY A 28 14.20 -20.75 6.81
C GLY A 28 14.05 -19.45 6.04
N GLY A 29 15.15 -18.73 5.85
CA GLY A 29 15.10 -17.46 5.13
C GLY A 29 15.59 -17.53 3.69
N GLN A 30 16.61 -16.74 3.37
CA GLN A 30 17.16 -16.71 2.02
C GLN A 30 18.69 -16.67 1.97
N TYR A 31 19.32 -16.40 3.12
CA TYR A 31 20.78 -16.35 3.20
C TYR A 31 21.39 -17.64 2.65
N GLY A 32 20.60 -18.71 2.69
CA GLY A 32 21.07 -20.00 2.21
C GLY A 32 20.99 -21.02 3.32
N GLU A 33 21.70 -22.12 3.16
CA GLU A 33 21.71 -23.19 4.16
C GLU A 33 22.58 -22.76 5.33
N VAL A 34 22.06 -21.87 6.16
CA VAL A 34 22.81 -21.38 7.31
C VAL A 34 22.61 -22.24 8.55
N TYR A 35 23.70 -22.62 9.19
CA TYR A 35 23.64 -23.43 10.41
C TYR A 35 24.29 -22.75 11.59
N GLU A 36 23.87 -23.14 12.78
CA GLU A 36 24.45 -22.61 14.00
C GLU A 36 25.46 -23.70 14.35
N GLY A 37 26.59 -23.32 14.95
CA GLY A 37 27.57 -24.33 15.28
C GLY A 37 28.56 -23.93 16.35
N VAL A 38 29.50 -24.83 16.61
CA VAL A 38 30.54 -24.59 17.61
C VAL A 38 31.93 -24.91 17.10
N TRP A 39 32.86 -24.00 17.34
CA TRP A 39 34.24 -24.19 16.94
C TRP A 39 34.94 -24.75 18.17
N LYS A 40 34.75 -26.04 18.41
CA LYS A 40 35.31 -26.75 19.55
C LYS A 40 36.65 -26.23 20.05
N LYS A 41 37.59 -26.00 19.14
CA LYS A 41 38.91 -25.50 19.51
C LYS A 41 38.80 -24.44 20.61
N TYR A 42 37.72 -23.67 20.60
CA TYR A 42 37.52 -22.64 21.61
C TYR A 42 36.07 -22.61 22.13
N SER A 43 35.31 -23.65 21.85
CA SER A 43 33.91 -23.71 22.29
C SER A 43 33.21 -22.40 21.90
N LEU A 44 33.65 -21.82 20.80
CA LEU A 44 33.09 -20.56 20.30
C LEU A 44 31.96 -20.82 19.32
N THR A 45 30.79 -20.25 19.62
CA THR A 45 29.62 -20.41 18.76
C THR A 45 29.90 -19.74 17.43
N VAL A 46 29.46 -20.38 16.34
CA VAL A 46 29.71 -19.84 15.00
C VAL A 46 28.56 -20.03 14.02
N ALA A 47 28.56 -19.21 12.98
CA ALA A 47 27.55 -19.33 11.94
C ALA A 47 28.22 -20.06 10.78
N VAL A 48 27.47 -20.92 10.11
CA VAL A 48 27.99 -21.68 8.99
C VAL A 48 27.04 -21.64 7.80
N LYS A 49 27.57 -21.35 6.61
CA LYS A 49 26.78 -21.30 5.39
C LYS A 49 27.23 -22.46 4.50
N THR A 50 26.28 -23.25 4.03
CA THR A 50 26.56 -24.41 3.20
C THR A 50 26.19 -24.21 1.73
N LEU A 51 26.73 -25.09 0.87
CA LEU A 51 26.43 -25.03 -0.55
C LEU A 51 25.90 -26.39 -1.02
N LYS A 52 24.94 -26.40 -1.94
CA LYS A 52 24.36 -27.64 -2.45
C LYS A 52 24.77 -28.01 -3.87
N GLU A 53 24.17 -29.07 -4.40
CA GLU A 53 24.45 -29.55 -5.75
C GLU A 53 24.29 -28.47 -6.81
N ASP A 54 23.08 -28.33 -7.33
CA ASP A 54 22.79 -27.33 -8.35
C ASP A 54 22.93 -25.94 -7.73
N THR A 55 21.95 -25.59 -6.91
CA THR A 55 21.90 -24.31 -6.21
C THR A 55 22.77 -23.19 -6.79
N MET A 56 24.09 -23.33 -6.67
CA MET A 56 25.00 -22.32 -7.16
C MET A 56 26.41 -22.87 -7.42
N GLU A 57 27.08 -22.28 -8.42
CA GLU A 57 28.44 -22.68 -8.78
C GLU A 57 29.38 -22.39 -7.64
N VAL A 58 30.41 -23.21 -7.47
CA VAL A 58 31.37 -23.03 -6.40
C VAL A 58 32.12 -21.70 -6.51
N GLU A 59 32.42 -21.29 -7.73
CA GLU A 59 33.14 -20.03 -7.97
C GLU A 59 32.29 -18.84 -7.54
N GLU A 60 30.98 -19.03 -7.56
CA GLU A 60 30.04 -17.99 -7.17
C GLU A 60 29.87 -17.95 -5.65
N PHE A 61 29.84 -19.12 -5.03
CA PHE A 61 29.68 -19.24 -3.60
C PHE A 61 30.89 -18.69 -2.83
N LEU A 62 32.08 -19.05 -3.29
CA LEU A 62 33.31 -18.61 -2.64
C LEU A 62 33.63 -17.13 -2.85
N LYS A 63 32.96 -16.51 -3.81
CA LYS A 63 33.16 -15.10 -4.12
C LYS A 63 32.99 -14.25 -2.86
N GLU A 64 31.95 -14.55 -2.11
CA GLU A 64 31.66 -13.83 -0.87
C GLU A 64 32.81 -13.95 0.14
N ALA A 65 33.37 -15.15 0.25
CA ALA A 65 34.49 -15.38 1.17
C ALA A 65 35.71 -14.58 0.73
N ALA A 66 35.99 -14.61 -0.57
CA ALA A 66 37.13 -13.87 -1.11
C ALA A 66 37.03 -12.41 -0.67
N VAL A 67 35.84 -11.85 -0.80
CA VAL A 67 35.61 -10.46 -0.41
C VAL A 67 35.84 -10.28 1.09
N MET A 68 35.33 -11.21 1.89
CA MET A 68 35.44 -11.09 3.34
C MET A 68 36.85 -11.24 3.90
N LYS A 69 37.76 -11.78 3.10
CA LYS A 69 39.13 -11.95 3.53
C LYS A 69 39.88 -10.62 3.49
N GLU A 70 39.33 -9.64 2.79
CA GLU A 70 40.01 -8.35 2.66
C GLU A 70 39.41 -7.18 3.43
N ILE A 71 38.35 -7.44 4.17
CA ILE A 71 37.71 -6.40 4.95
C ILE A 71 37.64 -6.85 6.39
N LYS A 72 37.76 -5.91 7.32
CA LYS A 72 37.72 -6.19 8.75
C LYS A 72 37.21 -4.94 9.47
N HIS A 73 36.09 -5.07 10.17
CA HIS A 73 35.52 -3.93 10.88
C HIS A 73 34.59 -4.47 11.95
N PRO A 74 34.59 -3.84 13.13
CA PRO A 74 33.71 -4.36 14.18
C PRO A 74 32.25 -4.39 13.77
N ASN A 75 31.87 -3.61 12.76
CA ASN A 75 30.48 -3.60 12.30
C ASN A 75 30.24 -4.33 10.97
N LEU A 76 31.19 -5.19 10.61
CA LEU A 76 31.09 -6.02 9.41
C LEU A 76 31.20 -7.46 9.90
N VAL A 77 30.25 -8.29 9.52
CA VAL A 77 30.27 -9.69 9.92
C VAL A 77 31.65 -10.25 9.57
N GLN A 78 32.35 -10.78 10.57
CA GLN A 78 33.70 -11.30 10.38
C GLN A 78 33.84 -12.74 9.90
N LEU A 79 34.69 -12.93 8.91
CA LEU A 79 34.98 -14.26 8.38
C LEU A 79 35.91 -14.97 9.36
N LEU A 80 35.62 -16.25 9.63
CA LEU A 80 36.44 -17.05 10.54
C LEU A 80 37.16 -18.17 9.80
N GLY A 81 36.61 -18.59 8.65
CA GLY A 81 37.23 -19.65 7.87
C GLY A 81 36.34 -20.24 6.79
N VAL A 82 36.92 -21.15 5.99
CA VAL A 82 36.20 -21.80 4.92
C VAL A 82 36.49 -23.30 4.86
N CYS A 83 35.57 -24.07 4.28
CA CYS A 83 35.76 -25.50 4.13
C CYS A 83 35.58 -25.90 2.69
N THR A 84 36.70 -26.03 1.99
CA THR A 84 36.68 -26.42 0.59
C THR A 84 37.19 -27.86 0.54
N ARG A 85 37.68 -28.29 -0.61
CA ARG A 85 38.19 -29.66 -0.76
C ARG A 85 37.10 -30.68 -1.05
N GLU A 86 36.54 -31.25 0.02
CA GLU A 86 35.50 -32.26 -0.07
C GLU A 86 34.13 -31.64 -0.33
N PRO A 87 33.07 -32.46 -0.44
CA PRO A 87 31.69 -32.06 -0.68
C PRO A 87 31.22 -30.85 0.17
N PRO A 88 29.90 -30.58 0.25
CA PRO A 88 29.38 -29.46 1.02
C PRO A 88 30.37 -28.48 1.64
N PHE A 89 30.73 -27.46 0.88
CA PHE A 89 31.65 -26.42 1.34
C PHE A 89 30.98 -25.54 2.39
N TYR A 90 31.78 -25.04 3.32
CA TYR A 90 31.29 -24.18 4.38
C TYR A 90 31.94 -22.81 4.32
N ILE A 91 31.27 -21.83 4.93
CA ILE A 91 31.80 -20.48 5.07
C ILE A 91 31.41 -20.19 6.52
N ILE A 92 32.42 -20.11 7.38
CA ILE A 92 32.22 -19.90 8.80
C ILE A 92 32.49 -18.45 9.22
N THR A 93 31.57 -17.88 9.99
CA THR A 93 31.74 -16.52 10.48
C THR A 93 31.28 -16.46 11.93
N GLU A 94 31.47 -15.30 12.54
CA GLU A 94 31.05 -15.12 13.91
C GLU A 94 29.54 -15.27 13.88
N PHE A 95 28.96 -15.66 15.02
CA PHE A 95 27.52 -15.86 15.12
C PHE A 95 26.81 -14.66 15.72
N MET A 96 25.80 -14.15 15.02
CA MET A 96 25.03 -13.02 15.52
C MET A 96 23.79 -13.60 16.22
N THR A 97 23.76 -13.44 17.53
CA THR A 97 22.68 -13.98 18.36
C THR A 97 21.23 -13.70 17.98
N TYR A 98 20.92 -12.47 17.57
CA TYR A 98 19.54 -12.16 17.25
C TYR A 98 19.04 -12.25 15.80
N GLY A 99 19.86 -12.71 14.88
CA GLY A 99 19.40 -12.81 13.51
C GLY A 99 19.35 -11.49 12.77
N ASN A 100 18.71 -11.49 11.61
CA ASN A 100 18.62 -10.29 10.78
C ASN A 100 17.88 -9.10 11.41
N LEU A 101 18.39 -7.91 11.14
CA LEU A 101 17.83 -6.67 11.67
C LEU A 101 16.35 -6.44 11.36
N LEU A 102 15.93 -6.78 10.14
CA LEU A 102 14.53 -6.58 9.76
C LEU A 102 13.54 -7.28 10.71
N ASP A 103 13.73 -8.57 10.95
CA ASP A 103 12.82 -9.29 11.84
C ASP A 103 13.02 -8.83 13.29
N TYR A 104 14.22 -8.37 13.61
CA TYR A 104 14.51 -7.89 14.95
C TYR A 104 13.65 -6.67 15.22
N LEU A 105 13.65 -5.72 14.28
CA LEU A 105 12.86 -4.51 14.46
C LEU A 105 11.36 -4.82 14.59
N ARG A 106 10.90 -5.83 13.85
CA ARG A 106 9.50 -6.20 13.87
C ARG A 106 9.05 -7.00 15.10
N GLU A 107 10.02 -7.55 15.83
CA GLU A 107 9.69 -8.37 17.00
C GLU A 107 10.21 -7.80 18.31
N CYS A 108 10.91 -6.68 18.24
CA CYS A 108 11.50 -6.08 19.41
C CYS A 108 10.53 -5.42 20.40
N ASN A 109 11.07 -5.14 21.57
CA ASN A 109 10.35 -4.45 22.63
C ASN A 109 10.64 -3.01 22.25
N ARG A 110 9.65 -2.33 21.67
CA ARG A 110 9.85 -0.95 21.24
C ARG A 110 10.17 0.00 22.38
N GLN A 111 9.88 -0.40 23.61
CA GLN A 111 10.20 0.47 24.73
C GLN A 111 11.69 0.42 25.01
N GLU A 112 12.33 -0.71 24.67
CA GLU A 112 13.76 -0.83 24.85
C GLU A 112 14.50 -0.30 23.62
N VAL A 113 14.14 -0.82 22.45
CA VAL A 113 14.75 -0.39 21.18
C VAL A 113 14.04 0.90 20.79
N ASN A 114 14.34 1.98 21.51
CA ASN A 114 13.72 3.27 21.28
C ASN A 114 14.46 4.21 20.33
N ALA A 115 14.11 5.50 20.39
CA ALA A 115 14.71 6.52 19.54
C ALA A 115 16.23 6.55 19.58
N VAL A 116 16.82 6.48 20.77
CA VAL A 116 18.27 6.51 20.90
C VAL A 116 18.91 5.25 20.32
N VAL A 117 18.37 4.09 20.65
CA VAL A 117 18.90 2.84 20.16
C VAL A 117 18.78 2.76 18.63
N LEU A 118 17.64 3.17 18.08
CA LEU A 118 17.48 3.16 16.64
C LEU A 118 18.60 4.03 16.06
N LEU A 119 18.81 5.17 16.72
CA LEU A 119 19.83 6.13 16.30
C LEU A 119 21.21 5.49 16.41
N TYR A 120 21.40 4.67 17.43
CA TYR A 120 22.66 3.97 17.66
C TYR A 120 22.90 2.88 16.61
N MET A 121 21.81 2.34 16.06
CA MET A 121 21.93 1.29 15.04
C MET A 121 22.30 1.90 13.69
N ALA A 122 21.81 3.10 13.42
CA ALA A 122 22.11 3.77 12.17
C ALA A 122 23.57 4.21 12.15
N THR A 123 24.06 4.69 13.29
CA THR A 123 25.43 5.15 13.39
C THR A 123 26.43 4.02 13.17
N GLN A 124 26.17 2.88 13.80
CA GLN A 124 27.06 1.74 13.63
C GLN A 124 27.17 1.33 12.16
N ILE A 125 26.02 1.20 11.50
CA ILE A 125 26.01 0.81 10.09
C ILE A 125 26.74 1.85 9.24
N SER A 126 26.49 3.13 9.47
CA SER A 126 27.16 4.16 8.68
C SER A 126 28.67 4.05 8.94
N SER A 127 29.03 3.54 10.11
CA SER A 127 30.45 3.39 10.45
C SER A 127 31.07 2.31 9.53
N ALA A 128 30.42 1.16 9.45
CA ALA A 128 30.92 0.09 8.61
C ALA A 128 31.00 0.56 7.15
N MET A 129 30.00 1.32 6.71
CA MET A 129 29.98 1.81 5.33
C MET A 129 31.04 2.89 5.08
N GLU A 130 31.38 3.66 6.11
CA GLU A 130 32.42 4.68 5.95
C GLU A 130 33.76 4.00 5.71
N TYR A 131 33.94 2.82 6.32
CA TYR A 131 35.15 2.02 6.18
C TYR A 131 35.23 1.44 4.75
N LEU A 132 34.13 0.87 4.29
CA LEU A 132 34.04 0.29 2.94
C LEU A 132 34.29 1.37 1.88
N GLU A 133 33.65 2.52 2.05
CA GLU A 133 33.79 3.65 1.14
C GLU A 133 35.28 4.05 1.07
N LYS A 134 35.87 4.22 2.25
CA LYS A 134 37.27 4.60 2.39
C LYS A 134 38.21 3.63 1.66
N LYS A 135 37.85 2.35 1.60
CA LYS A 135 38.68 1.37 0.92
C LYS A 135 38.24 1.16 -0.52
N ASN A 136 37.30 2.00 -0.98
CA ASN A 136 36.76 1.92 -2.33
C ASN A 136 36.02 0.62 -2.66
N PHE A 137 35.26 0.13 -1.68
CA PHE A 137 34.46 -1.08 -1.86
C PHE A 137 33.00 -0.64 -1.98
N ILE A 138 32.19 -1.45 -2.65
CA ILE A 138 30.77 -1.18 -2.73
C ILE A 138 30.12 -2.47 -2.24
N HIS A 139 28.99 -2.34 -1.56
CA HIS A 139 28.31 -3.50 -1.02
C HIS A 139 27.24 -4.01 -1.99
N ARG A 140 26.45 -3.07 -2.51
CA ARG A 140 25.40 -3.37 -3.47
C ARG A 140 24.19 -4.16 -2.96
N ASP A 141 24.07 -4.37 -1.65
CA ASP A 141 22.90 -5.09 -1.16
C ASP A 141 22.47 -4.65 0.25
N LEU A 142 22.67 -3.37 0.53
CA LEU A 142 22.33 -2.79 1.82
C LEU A 142 20.81 -2.81 2.03
N ALA A 143 20.38 -3.46 3.11
CA ALA A 143 18.96 -3.55 3.45
C ALA A 143 18.86 -4.13 4.86
N ALA A 144 17.77 -3.83 5.57
CA ALA A 144 17.62 -4.32 6.94
C ALA A 144 17.67 -5.84 7.03
N ARG A 145 17.20 -6.52 5.99
CA ARG A 145 17.21 -7.99 5.95
C ARG A 145 18.64 -8.51 5.82
N ASN A 146 19.58 -7.64 5.43
CA ASN A 146 20.95 -8.06 5.26
C ASN A 146 21.89 -7.60 6.38
N CYS A 147 21.31 -7.11 7.46
CA CYS A 147 22.10 -6.69 8.61
C CYS A 147 21.80 -7.69 9.70
N LEU A 148 22.73 -7.85 10.64
CA LEU A 148 22.56 -8.80 11.73
C LEU A 148 22.69 -8.15 13.09
N VAL A 149 22.02 -8.74 14.07
CA VAL A 149 22.01 -8.18 15.40
C VAL A 149 22.64 -9.08 16.44
N GLY A 150 23.42 -8.47 17.33
CA GLY A 150 24.06 -9.20 18.40
C GLY A 150 23.55 -8.64 19.72
N GLU A 151 24.18 -8.99 20.82
CA GLU A 151 23.74 -8.49 22.11
C GLU A 151 24.07 -7.01 22.26
N ASN A 152 23.30 -6.32 23.09
CA ASN A 152 23.49 -4.90 23.34
C ASN A 152 23.22 -4.05 22.10
N HIS A 153 22.29 -4.50 21.27
CA HIS A 153 21.92 -3.76 20.06
C HIS A 153 23.12 -3.57 19.14
N LEU A 154 23.96 -4.58 19.09
CA LEU A 154 25.14 -4.55 18.23
C LEU A 154 24.65 -4.89 16.82
N VAL A 155 24.99 -4.04 15.87
CA VAL A 155 24.57 -4.25 14.49
C VAL A 155 25.74 -4.39 13.51
N LYS A 156 25.67 -5.40 12.65
CA LYS A 156 26.71 -5.64 11.67
C LYS A 156 26.16 -5.93 10.27
N VAL A 157 26.82 -5.36 9.27
CA VAL A 157 26.44 -5.55 7.88
C VAL A 157 26.90 -6.94 7.45
N ALA A 158 26.04 -7.66 6.72
CA ALA A 158 26.37 -8.99 6.24
C ALA A 158 26.16 -9.05 4.73
N ASP A 159 26.06 -10.27 4.20
CA ASP A 159 25.83 -10.51 2.77
C ASP A 159 26.72 -9.78 1.78
N PHE A 160 27.93 -10.30 1.58
CA PHE A 160 28.88 -9.67 0.67
C PHE A 160 29.03 -10.30 -0.71
N GLY A 161 28.10 -11.17 -1.07
CA GLY A 161 28.19 -11.82 -2.37
C GLY A 161 28.27 -10.89 -3.57
N LEU A 162 27.71 -9.69 -3.43
CA LEU A 162 27.73 -8.72 -4.53
C LEU A 162 28.71 -7.59 -4.32
N SER A 163 29.45 -7.65 -3.21
CA SER A 163 30.44 -6.61 -2.92
C SER A 163 31.59 -6.72 -3.90
N ARG A 164 32.21 -5.58 -4.19
CA ARG A 164 33.31 -5.55 -5.15
C ARG A 164 34.30 -4.44 -4.83
N LEU A 165 35.58 -4.71 -5.10
CA LEU A 165 36.61 -3.70 -4.91
C LEU A 165 36.59 -2.97 -6.24
N MET A 166 36.39 -1.67 -6.22
CA MET A 166 36.36 -0.91 -7.46
C MET A 166 37.72 -0.38 -7.85
N THR A 167 37.95 -0.25 -9.16
CA THR A 167 39.21 0.29 -9.66
C THR A 167 39.02 1.79 -9.86
N GLY A 168 37.76 2.21 -10.00
CA GLY A 168 37.47 3.62 -10.18
C GLY A 168 36.33 4.06 -9.28
N ASP A 169 35.45 4.91 -9.83
CA ASP A 169 34.33 5.42 -9.07
C ASP A 169 33.04 4.68 -9.40
N THR A 170 33.05 3.93 -10.50
CA THR A 170 31.86 3.21 -10.89
C THR A 170 32.15 1.74 -11.20
N PTR A 171 31.09 0.97 -11.27
CA PTR A 171 31.15 -0.44 -11.58
C PTR A 171 29.87 -0.67 -12.34
O PTR A 171 28.80 -0.28 -11.89
CB PTR A 171 31.11 -1.32 -10.32
CG PTR A 171 30.65 -2.72 -10.61
CD1 PTR A 171 31.49 -3.65 -11.22
CD2 PTR A 171 29.34 -3.12 -10.33
CE1 PTR A 171 31.05 -4.92 -11.54
CE2 PTR A 171 28.90 -4.37 -10.66
CZ PTR A 171 29.75 -5.27 -11.25
P PTR A 171 30.02 -7.73 -12.08
N THR A 172 29.97 -1.30 -13.50
CA THR A 172 28.80 -1.57 -14.31
C THR A 172 28.53 -3.06 -14.31
N ALA A 173 27.37 -3.45 -13.79
CA ALA A 173 27.00 -4.85 -13.75
C ALA A 173 26.74 -5.25 -15.19
N HIS A 174 26.45 -6.53 -15.39
CA HIS A 174 26.15 -7.05 -16.72
C HIS A 174 24.66 -6.80 -16.93
N ALA A 175 24.01 -7.60 -17.77
CA ALA A 175 22.58 -7.41 -18.04
C ALA A 175 21.68 -8.52 -17.54
N GLY A 176 22.27 -9.65 -17.16
CA GLY A 176 21.48 -10.77 -16.67
C GLY A 176 20.58 -10.50 -15.47
N ALA A 177 21.02 -10.95 -14.31
CA ALA A 177 20.28 -10.81 -13.05
C ALA A 177 19.67 -9.44 -12.79
N LYS A 178 18.73 -9.42 -11.84
CA LYS A 178 18.03 -8.21 -11.44
C LYS A 178 18.48 -7.76 -10.06
N PHE A 179 17.89 -6.67 -9.58
CA PHE A 179 18.22 -6.12 -8.27
C PHE A 179 16.98 -5.53 -7.61
N PRO A 180 16.91 -5.61 -6.27
CA PRO A 180 15.79 -5.10 -5.47
C PRO A 180 15.44 -3.65 -5.79
N ILE A 181 14.38 -3.49 -6.57
CA ILE A 181 13.88 -2.19 -7.01
C ILE A 181 13.71 -1.13 -5.93
N LYS A 182 13.07 -1.49 -4.81
CA LYS A 182 12.82 -0.53 -3.75
C LYS A 182 14.03 -0.10 -2.93
N TRP A 183 15.17 -0.76 -3.15
CA TRP A 183 16.40 -0.43 -2.44
C TRP A 183 17.45 0.07 -3.41
N THR A 184 17.14 0.04 -4.71
CA THR A 184 18.11 0.43 -5.73
C THR A 184 17.98 1.84 -6.30
N ALA A 185 19.11 2.52 -6.36
CA ALA A 185 19.18 3.88 -6.88
C ALA A 185 18.76 3.89 -8.35
N PRO A 186 18.21 5.04 -8.81
CA PRO A 186 17.73 5.30 -10.17
C PRO A 186 18.75 4.99 -11.26
N GLU A 187 19.97 5.50 -11.12
CA GLU A 187 21.00 5.25 -12.13
C GLU A 187 21.36 3.75 -12.20
N SER A 188 21.14 3.03 -11.10
CA SER A 188 21.42 1.59 -11.07
C SER A 188 20.25 0.86 -11.73
N LEU A 189 19.06 1.43 -11.63
CA LEU A 189 17.89 0.81 -12.23
C LEU A 189 17.85 1.07 -13.73
N ALA A 190 18.21 2.30 -14.11
CA ALA A 190 18.20 2.70 -15.50
C ALA A 190 19.39 2.24 -16.31
N TYR A 191 20.60 2.43 -15.77
CA TYR A 191 21.81 2.05 -16.48
C TYR A 191 22.65 0.93 -15.85
N ASN A 192 22.16 0.34 -14.77
CA ASN A 192 22.91 -0.72 -14.11
C ASN A 192 24.26 -0.21 -13.60
N LYS A 193 24.33 1.09 -13.30
CA LYS A 193 25.57 1.69 -12.79
C LYS A 193 25.58 1.74 -11.26
N PHE A 194 26.58 1.13 -10.65
CA PHE A 194 26.71 1.13 -9.21
C PHE A 194 27.96 1.87 -8.74
N SER A 195 27.90 2.37 -7.52
CA SER A 195 29.01 3.10 -6.94
C SER A 195 28.71 3.31 -5.46
N ILE A 196 29.62 3.97 -4.74
CA ILE A 196 29.41 4.22 -3.33
C ILE A 196 28.13 5.02 -3.12
N LYS A 197 27.83 5.90 -4.07
CA LYS A 197 26.63 6.74 -3.98
C LYS A 197 25.36 5.89 -4.11
N SER A 198 25.43 4.80 -4.86
CA SER A 198 24.26 3.93 -4.97
C SER A 198 24.10 3.24 -3.60
N ASP A 199 25.21 2.99 -2.90
CA ASP A 199 25.14 2.38 -1.57
C ASP A 199 24.52 3.42 -0.64
N VAL A 200 24.88 4.69 -0.85
CA VAL A 200 24.36 5.76 -0.02
C VAL A 200 22.83 5.79 -0.16
N TRP A 201 22.35 5.69 -1.40
CA TRP A 201 20.90 5.67 -1.65
C TRP A 201 20.23 4.49 -0.90
N ALA A 202 20.84 3.32 -0.95
CA ALA A 202 20.26 2.17 -0.27
C ALA A 202 20.31 2.38 1.25
N PHE A 203 21.34 3.08 1.73
CA PHE A 203 21.45 3.33 3.16
C PHE A 203 20.23 4.15 3.57
N GLY A 204 19.85 5.11 2.73
CA GLY A 204 18.68 5.92 3.03
C GLY A 204 17.45 5.04 3.22
N VAL A 205 17.26 4.08 2.33
CA VAL A 205 16.11 3.19 2.45
C VAL A 205 16.20 2.41 3.77
N LEU A 206 17.40 1.91 4.08
CA LEU A 206 17.62 1.16 5.31
C LEU A 206 17.26 2.00 6.53
N LEU A 207 17.51 3.30 6.47
CA LEU A 207 17.17 4.19 7.60
C LEU A 207 15.65 4.19 7.77
N TRP A 208 14.94 4.30 6.66
CA TRP A 208 13.48 4.31 6.68
C TRP A 208 12.95 2.99 7.26
N GLU A 209 13.61 1.88 6.95
CA GLU A 209 13.18 0.59 7.48
C GLU A 209 13.38 0.62 9.00
N ILE A 210 14.49 1.21 9.43
CA ILE A 210 14.79 1.27 10.85
C ILE A 210 13.82 2.19 11.56
N ALA A 211 13.57 3.37 10.99
CA ALA A 211 12.65 4.32 11.59
C ALA A 211 11.21 3.78 11.73
N THR A 212 10.79 2.92 10.80
CA THR A 212 9.44 2.37 10.83
C THR A 212 9.33 1.04 11.57
N TYR A 213 10.45 0.56 12.12
CA TYR A 213 10.45 -0.73 12.83
C TYR A 213 10.18 -1.91 11.89
N GLY A 214 10.72 -1.84 10.67
CA GLY A 214 10.54 -2.94 9.74
C GLY A 214 9.44 -2.90 8.70
N MET A 215 8.92 -1.72 8.39
CA MET A 215 7.89 -1.63 7.36
C MET A 215 8.56 -1.79 5.99
N SER A 216 7.81 -2.33 5.03
CA SER A 216 8.32 -2.51 3.68
C SER A 216 8.30 -1.14 2.99
N PRO A 217 9.39 -0.80 2.29
CA PRO A 217 9.54 0.47 1.55
C PRO A 217 8.38 0.71 0.59
N TYR A 218 8.06 1.98 0.35
CA TYR A 218 6.96 2.37 -0.54
C TYR A 218 5.79 1.40 -0.37
N PRO A 219 5.24 1.31 0.84
CA PRO A 219 4.13 0.40 1.07
C PRO A 219 2.99 0.56 0.05
N GLY A 220 2.47 -0.56 -0.41
CA GLY A 220 1.37 -0.54 -1.36
C GLY A 220 1.68 -0.08 -2.77
N ILE A 221 2.87 0.49 -3.01
CA ILE A 221 3.20 0.95 -4.35
C ILE A 221 3.70 -0.12 -5.30
N ASP A 222 3.07 -0.17 -6.47
CA ASP A 222 3.41 -1.12 -7.51
C ASP A 222 4.86 -0.91 -7.94
N LEU A 223 5.60 -2.01 -8.05
CA LEU A 223 7.01 -1.97 -8.43
C LEU A 223 7.32 -1.38 -9.80
N SER A 224 6.37 -1.48 -10.72
CA SER A 224 6.61 -0.96 -12.06
C SER A 224 6.43 0.55 -12.12
N GLN A 225 5.89 1.15 -11.07
CA GLN A 225 5.68 2.59 -11.03
C GLN A 225 6.66 3.31 -10.12
N VAL A 226 7.51 2.55 -9.44
CA VAL A 226 8.47 3.13 -8.52
C VAL A 226 9.47 4.07 -9.20
N TYR A 227 10.14 3.59 -10.24
CA TYR A 227 11.11 4.41 -10.94
C TYR A 227 10.54 5.74 -11.44
N GLU A 228 9.47 5.68 -12.22
CA GLU A 228 8.86 6.89 -12.77
C GLU A 228 8.42 7.84 -11.67
N LEU A 229 7.97 7.29 -10.54
CA LEU A 229 7.59 8.14 -9.42
C LEU A 229 8.83 8.88 -8.94
N LEU A 230 9.90 8.13 -8.71
CA LEU A 230 11.16 8.69 -8.24
C LEU A 230 11.64 9.76 -9.20
N GLU A 231 11.33 9.59 -10.48
CA GLU A 231 11.74 10.55 -11.50
C GLU A 231 10.84 11.80 -11.42
N LYS A 232 9.62 11.65 -10.90
CA LYS A 232 8.72 12.79 -10.76
C LYS A 232 8.92 13.45 -9.39
N ASP A 233 10.03 13.12 -8.74
CA ASP A 233 10.39 13.65 -7.43
C ASP A 233 9.65 13.12 -6.21
N TYR A 234 8.99 11.99 -6.33
CA TYR A 234 8.30 11.41 -5.18
C TYR A 234 9.33 10.72 -4.28
N ARG A 235 9.12 10.80 -2.97
CA ARG A 235 10.02 10.14 -2.02
C ARG A 235 9.19 9.73 -0.80
N MET A 236 9.57 8.65 -0.13
CA MET A 236 8.83 8.21 1.05
C MET A 236 8.73 9.33 2.08
N GLU A 237 7.61 9.33 2.80
CA GLU A 237 7.36 10.35 3.81
C GLU A 237 8.08 10.02 5.12
N ARG A 238 8.19 11.03 5.97
CA ARG A 238 8.85 10.89 7.27
C ARG A 238 8.06 9.96 8.17
N PRO A 239 8.69 8.88 8.65
CA PRO A 239 8.00 7.94 9.52
C PRO A 239 7.58 8.63 10.82
N GLU A 240 6.51 8.14 11.45
CA GLU A 240 6.06 8.73 12.69
C GLU A 240 7.16 8.64 13.74
N GLY A 241 7.39 9.74 14.45
CA GLY A 241 8.40 9.77 15.49
C GLY A 241 9.82 9.89 15.01
N CYS A 242 10.01 9.99 13.69
CA CYS A 242 11.35 10.12 13.13
C CYS A 242 11.78 11.58 13.16
N PRO A 243 12.91 11.86 13.85
CA PRO A 243 13.48 13.21 13.98
C PRO A 243 13.65 13.83 12.59
N GLU A 244 13.35 15.13 12.47
CA GLU A 244 13.45 15.81 11.19
C GLU A 244 14.87 15.84 10.64
N LYS A 245 15.86 15.90 11.52
CA LYS A 245 17.26 15.93 11.11
C LYS A 245 17.61 14.58 10.49
N VAL A 246 17.12 13.51 11.09
CA VAL A 246 17.36 12.18 10.55
C VAL A 246 16.66 12.03 9.20
N TYR A 247 15.45 12.59 9.09
CA TYR A 247 14.70 12.49 7.84
C TYR A 247 15.37 13.31 6.74
N GLU A 248 15.90 14.48 7.11
CA GLU A 248 16.57 15.34 6.15
C GLU A 248 17.80 14.59 5.63
N LEU A 249 18.29 13.65 6.44
CA LEU A 249 19.44 12.85 6.05
C LEU A 249 19.01 11.80 5.02
N MET A 250 17.79 11.28 5.20
CA MET A 250 17.24 10.30 4.26
C MET A 250 17.07 10.96 2.89
N ARG A 251 16.52 12.17 2.89
CA ARG A 251 16.27 12.91 1.65
C ARG A 251 17.54 13.21 0.88
N ALA A 252 18.60 13.54 1.60
CA ALA A 252 19.89 13.82 0.97
C ALA A 252 20.38 12.51 0.33
N CYS A 253 20.16 11.39 1.00
CA CYS A 253 20.55 10.09 0.45
C CYS A 253 19.77 9.77 -0.82
N TRP A 254 18.57 10.32 -0.93
CA TRP A 254 17.72 10.07 -2.10
C TRP A 254 17.76 11.18 -3.15
N GLN A 255 18.85 11.92 -3.22
CA GLN A 255 18.97 12.95 -4.24
C GLN A 255 19.08 12.23 -5.58
N TRP A 256 18.30 12.65 -6.56
CA TRP A 256 18.30 12.02 -7.88
C TRP A 256 19.70 11.92 -8.49
N ASN A 257 20.48 12.98 -8.39
CA ASN A 257 21.84 12.98 -8.93
C ASN A 257 22.81 12.46 -7.86
N PRO A 258 23.53 11.37 -8.17
CA PRO A 258 24.51 10.73 -7.28
C PRO A 258 25.46 11.71 -6.56
N SER A 259 26.05 12.64 -7.31
CA SER A 259 26.96 13.61 -6.72
C SER A 259 26.30 14.52 -5.69
N ASP A 260 24.98 14.63 -5.73
CA ASP A 260 24.29 15.46 -4.74
C ASP A 260 24.12 14.69 -3.43
N ARG A 261 24.34 13.37 -3.47
CA ARG A 261 24.21 12.56 -2.27
C ARG A 261 25.42 12.71 -1.37
N PRO A 262 25.21 12.73 -0.04
CA PRO A 262 26.32 12.86 0.89
C PRO A 262 27.24 11.65 0.84
N SER A 263 28.43 11.81 1.42
CA SER A 263 29.39 10.72 1.47
C SER A 263 29.10 9.95 2.76
N PHE A 264 29.57 8.71 2.85
CA PHE A 264 29.36 7.97 4.07
C PHE A 264 30.13 8.59 5.24
N ALA A 265 31.19 9.33 4.93
CA ALA A 265 31.97 9.96 5.99
C ALA A 265 31.10 11.09 6.57
N GLU A 266 30.41 11.83 5.71
CA GLU A 266 29.55 12.91 6.16
C GLU A 266 28.35 12.32 6.92
N ILE A 267 27.81 11.22 6.41
CA ILE A 267 26.66 10.60 7.05
C ILE A 267 27.00 10.10 8.44
N HIS A 268 28.12 9.38 8.56
CA HIS A 268 28.52 8.87 9.86
C HIS A 268 28.81 9.97 10.88
N GLN A 269 29.48 11.03 10.44
CA GLN A 269 29.79 12.14 11.33
C GLN A 269 28.48 12.80 11.77
N ALA A 270 27.52 12.87 10.86
CA ALA A 270 26.23 13.47 11.14
C ALA A 270 25.49 12.68 12.21
N PHE A 271 25.55 11.36 12.12
CA PHE A 271 24.89 10.49 13.09
C PHE A 271 25.66 10.43 14.41
N GLU A 272 26.98 10.42 14.31
CA GLU A 272 27.85 10.38 15.48
C GLU A 272 27.52 11.59 16.35
N THR A 273 27.31 12.73 15.69
CA THR A 273 26.98 13.98 16.38
C THR A 273 25.63 13.87 17.06
N MET A 274 24.61 13.48 16.30
CA MET A 274 23.27 13.35 16.85
C MET A 274 23.27 12.34 18.01
N PHE A 275 23.96 11.24 17.83
CA PHE A 275 24.02 10.21 18.86
C PHE A 275 24.73 10.72 20.10
N GLN A 276 25.84 11.43 19.93
CA GLN A 276 26.58 11.94 21.07
C GLN A 276 25.71 12.88 21.89
N GLU A 277 24.67 13.41 21.25
CA GLU A 277 23.76 14.28 21.95
C GLU A 277 22.87 13.39 22.82
N SER A 278 23.54 12.48 23.54
CA SER A 278 22.90 11.54 24.45
C SER A 278 23.97 11.09 25.47
N GLY B 1 -56.64 20.50 6.02
CA GLY B 1 -55.95 19.19 6.17
C GLY B 1 -54.85 19.00 5.14
N ALA B 2 -53.61 18.85 5.62
CA ALA B 2 -52.46 18.67 4.74
C ALA B 2 -52.57 17.45 3.83
N MET B 3 -53.17 16.38 4.34
CA MET B 3 -53.31 15.15 3.55
C MET B 3 -54.30 15.26 2.40
N ASP B 4 -55.18 16.26 2.46
CA ASP B 4 -56.17 16.48 1.41
C ASP B 4 -55.55 17.24 0.23
N PRO B 5 -55.88 16.82 -1.00
CA PRO B 5 -55.37 17.45 -2.24
C PRO B 5 -55.80 18.90 -2.43
N SER B 6 -56.81 19.34 -1.69
CA SER B 6 -57.29 20.72 -1.79
C SER B 6 -56.31 21.62 -1.04
N SER B 7 -55.71 21.06 0.01
CA SER B 7 -54.76 21.77 0.85
C SER B 7 -53.55 22.32 0.10
N PRO B 8 -53.15 23.54 0.44
CA PRO B 8 -52.00 24.21 -0.17
C PRO B 8 -50.71 23.51 0.27
N ASN B 9 -50.79 22.79 1.39
CA ASN B 9 -49.64 22.08 1.93
C ASN B 9 -49.61 20.63 1.48
N TYR B 10 -50.45 20.29 0.52
CA TYR B 10 -50.50 18.91 0.04
C TYR B 10 -49.18 18.46 -0.56
N ASP B 11 -48.82 17.21 -0.30
CA ASP B 11 -47.61 16.60 -0.84
C ASP B 11 -47.92 15.12 -1.00
N LYS B 12 -47.99 14.67 -2.24
CA LYS B 12 -48.32 13.27 -2.52
C LYS B 12 -47.41 12.24 -1.84
N TRP B 13 -46.16 12.61 -1.56
CA TRP B 13 -45.24 11.66 -0.92
C TRP B 13 -45.48 11.43 0.57
N GLU B 14 -46.31 12.29 1.18
CA GLU B 14 -46.61 12.18 2.61
C GLU B 14 -47.59 11.04 2.86
N MET B 15 -47.20 10.09 3.70
CA MET B 15 -48.09 8.98 4.01
C MET B 15 -48.18 8.79 5.52
N GLU B 16 -49.24 8.13 5.96
CA GLU B 16 -49.46 7.88 7.38
C GLU B 16 -48.45 6.87 7.89
N ARG B 17 -47.78 7.17 9.01
CA ARG B 17 -46.82 6.22 9.56
C ARG B 17 -47.53 4.90 9.76
N THR B 18 -48.71 4.97 10.35
CA THR B 18 -49.53 3.80 10.64
C THR B 18 -49.61 2.84 9.44
N ASP B 19 -49.48 3.38 8.24
CA ASP B 19 -49.51 2.56 7.03
C ASP B 19 -48.31 1.63 6.99
N ILE B 20 -47.36 1.86 7.88
CA ILE B 20 -46.15 1.04 7.93
C ILE B 20 -45.88 0.42 9.28
N THR B 21 -45.52 -0.86 9.27
CA THR B 21 -45.20 -1.59 10.49
C THR B 21 -43.68 -1.77 10.55
N MET B 22 -43.03 -1.04 11.45
CA MET B 22 -41.58 -1.12 11.59
C MET B 22 -41.13 -2.48 12.09
N LYS B 23 -39.83 -2.73 12.00
CA LYS B 23 -39.27 -4.00 12.45
C LYS B 23 -37.92 -3.78 13.13
N HIS B 24 -36.93 -4.55 12.71
CA HIS B 24 -35.60 -4.45 13.27
C HIS B 24 -34.70 -3.68 12.31
N LYS B 25 -33.79 -2.89 12.85
CA LYS B 25 -32.91 -2.09 12.01
C LYS B 25 -31.90 -2.93 11.23
N LEU B 26 -31.70 -2.56 9.98
CA LEU B 26 -30.74 -3.23 9.11
C LEU B 26 -29.43 -2.49 9.32
N GLY B 27 -29.51 -1.46 10.16
CA GLY B 27 -28.35 -0.62 10.46
C GLY B 27 -27.09 -1.33 10.92
N GLY B 28 -26.43 -0.74 11.91
CA GLY B 28 -25.19 -1.31 12.40
C GLY B 28 -24.16 -1.06 11.32
N GLY B 29 -24.58 -0.30 10.30
CA GLY B 29 -23.71 0.02 9.20
C GLY B 29 -23.20 1.45 9.26
N GLN B 30 -23.50 2.23 8.22
CA GLN B 30 -23.05 3.62 8.18
C GLN B 30 -24.15 4.60 7.77
N TYR B 31 -25.18 4.11 7.07
CA TYR B 31 -26.28 4.99 6.65
C TYR B 31 -26.84 5.70 7.86
N GLY B 32 -27.11 4.93 8.92
CA GLY B 32 -27.66 5.49 10.13
C GLY B 32 -28.84 4.69 10.65
N GLU B 33 -29.97 5.37 10.81
CA GLU B 33 -31.17 4.72 11.31
C GLU B 33 -32.01 4.12 10.18
N VAL B 34 -31.60 2.95 9.70
CA VAL B 34 -32.33 2.28 8.62
C VAL B 34 -32.98 1.02 9.19
N TYR B 35 -34.25 0.81 8.88
CA TYR B 35 -34.97 -0.37 9.37
C TYR B 35 -35.74 -1.05 8.27
N GLU B 36 -36.03 -2.32 8.47
CA GLU B 36 -36.82 -3.07 7.52
C GLU B 36 -38.25 -2.92 8.01
N GLY B 37 -39.19 -2.75 7.10
CA GLY B 37 -40.57 -2.60 7.51
C GLY B 37 -41.54 -3.18 6.51
N VAL B 38 -42.83 -3.14 6.84
CA VAL B 38 -43.84 -3.69 5.93
C VAL B 38 -44.94 -2.67 5.63
N TRP B 39 -45.15 -2.44 4.34
CA TRP B 39 -46.17 -1.51 3.90
C TRP B 39 -47.48 -2.32 3.97
N LYS B 40 -48.18 -2.18 5.09
CA LYS B 40 -49.43 -2.88 5.37
C LYS B 40 -50.35 -3.17 4.18
N LYS B 41 -50.94 -2.13 3.59
CA LYS B 41 -51.86 -2.29 2.48
C LYS B 41 -51.30 -3.00 1.25
N TYR B 42 -50.07 -3.47 1.32
CA TYR B 42 -49.46 -4.17 0.19
C TYR B 42 -48.71 -5.42 0.62
N SER B 43 -48.51 -5.57 1.92
CA SER B 43 -47.76 -6.74 2.41
C SER B 43 -46.41 -6.69 1.70
N LEU B 44 -45.97 -5.47 1.39
CA LEU B 44 -44.72 -5.23 0.68
C LEU B 44 -43.66 -4.76 1.67
N THR B 45 -42.57 -5.52 1.79
CA THR B 45 -41.48 -5.16 2.69
C THR B 45 -40.80 -3.88 2.19
N VAL B 46 -40.33 -3.05 3.11
CA VAL B 46 -39.68 -1.80 2.73
C VAL B 46 -38.53 -1.42 3.66
N ALA B 47 -37.82 -0.37 3.27
CA ALA B 47 -36.70 0.15 4.04
C ALA B 47 -37.14 1.52 4.54
N VAL B 48 -36.88 1.79 5.82
CA VAL B 48 -37.26 3.06 6.43
C VAL B 48 -36.07 3.72 7.10
N LYS B 49 -35.78 4.95 6.71
CA LYS B 49 -34.70 5.66 7.33
C LYS B 49 -35.29 6.64 8.34
N THR B 50 -34.83 6.55 9.58
CA THR B 50 -35.31 7.40 10.64
C THR B 50 -34.24 8.38 11.08
N LEU B 51 -34.65 9.46 11.72
CA LEU B 51 -33.74 10.48 12.20
C LEU B 51 -33.71 10.52 13.73
N LYS B 52 -32.51 10.39 14.30
CA LYS B 52 -32.36 10.46 15.75
C LYS B 52 -32.64 11.91 16.15
N GLU B 53 -33.07 12.12 17.38
CA GLU B 53 -33.38 13.47 17.84
C GLU B 53 -32.23 14.45 17.61
N ASP B 54 -31.09 14.19 18.23
CA ASP B 54 -29.93 15.07 18.07
C ASP B 54 -29.25 14.87 16.72
N THR B 55 -28.24 14.02 16.70
CA THR B 55 -27.48 13.72 15.49
C THR B 55 -27.42 14.91 14.53
N MET B 56 -28.20 14.84 13.46
CA MET B 56 -28.24 15.91 12.47
C MET B 56 -29.56 16.65 12.53
N GLU B 57 -29.58 17.87 12.03
CA GLU B 57 -30.79 18.67 12.01
C GLU B 57 -31.71 18.23 10.89
N VAL B 58 -32.99 18.54 11.06
CA VAL B 58 -34.02 18.18 10.09
C VAL B 58 -33.70 18.54 8.64
N GLU B 59 -33.09 19.71 8.43
CA GLU B 59 -32.76 20.16 7.09
C GLU B 59 -31.93 19.18 6.26
N GLU B 60 -30.86 18.63 6.83
CA GLU B 60 -30.04 17.69 6.09
C GLU B 60 -30.71 16.35 5.86
N PHE B 61 -31.57 15.96 6.78
CA PHE B 61 -32.29 14.70 6.64
C PHE B 61 -33.35 14.91 5.57
N LEU B 62 -33.99 16.09 5.60
CA LEU B 62 -35.04 16.42 4.65
C LEU B 62 -34.58 16.64 3.21
N LYS B 63 -33.40 17.24 3.04
CA LYS B 63 -32.92 17.48 1.68
C LYS B 63 -32.68 16.20 0.90
N GLU B 64 -32.41 15.11 1.60
CA GLU B 64 -32.22 13.84 0.91
C GLU B 64 -33.58 13.41 0.37
N ALA B 65 -34.62 13.67 1.14
CA ALA B 65 -35.99 13.34 0.74
C ALA B 65 -36.43 14.18 -0.47
N ALA B 66 -36.04 15.45 -0.48
CA ALA B 66 -36.39 16.37 -1.55
C ALA B 66 -35.70 16.02 -2.86
N VAL B 67 -34.47 15.51 -2.76
CA VAL B 67 -33.72 15.13 -3.93
C VAL B 67 -34.38 13.90 -4.54
N MET B 68 -34.73 12.95 -3.69
CA MET B 68 -35.35 11.71 -4.14
C MET B 68 -36.73 11.86 -4.76
N LYS B 69 -37.40 12.98 -4.48
CA LYS B 69 -38.73 13.21 -5.06
C LYS B 69 -38.59 13.63 -6.51
N GLU B 70 -37.40 14.11 -6.85
CA GLU B 70 -37.11 14.60 -8.19
C GLU B 70 -36.37 13.65 -9.11
N ILE B 71 -36.06 12.44 -8.64
CA ILE B 71 -35.35 11.49 -9.50
C ILE B 71 -36.04 10.13 -9.57
N LYS B 72 -35.98 9.53 -10.76
CA LYS B 72 -36.59 8.22 -10.97
C LYS B 72 -35.85 7.51 -12.09
N HIS B 73 -35.40 6.29 -11.81
CA HIS B 73 -34.64 5.47 -12.75
C HIS B 73 -34.59 4.06 -12.15
N PRO B 74 -34.60 3.01 -12.99
CA PRO B 74 -34.56 1.65 -12.46
C PRO B 74 -33.29 1.22 -11.71
N ASN B 75 -32.24 2.03 -11.78
CA ASN B 75 -31.01 1.71 -11.07
C ASN B 75 -30.70 2.68 -9.94
N LEU B 76 -31.75 3.41 -9.53
CA LEU B 76 -31.68 4.35 -8.41
C LEU B 76 -32.73 3.88 -7.40
N VAL B 77 -32.33 3.70 -6.15
CA VAL B 77 -33.28 3.24 -5.11
C VAL B 77 -34.53 4.14 -5.14
N GLN B 78 -35.67 3.55 -5.44
CA GLN B 78 -36.91 4.33 -5.54
C GLN B 78 -37.56 4.71 -4.22
N LEU B 79 -37.89 5.98 -4.11
CA LEU B 79 -38.57 6.54 -2.94
C LEU B 79 -40.05 6.12 -2.99
N LEU B 80 -40.60 5.70 -1.87
CA LEU B 80 -42.01 5.30 -1.84
C LEU B 80 -42.85 6.29 -1.04
N GLY B 81 -42.23 6.96 -0.08
CA GLY B 81 -42.98 7.93 0.72
C GLY B 81 -42.18 8.56 1.85
N VAL B 82 -42.80 9.48 2.57
CA VAL B 82 -42.14 10.15 3.69
C VAL B 82 -43.09 10.41 4.85
N CYS B 83 -42.51 10.68 6.01
CA CYS B 83 -43.29 10.99 7.22
C CYS B 83 -42.53 12.12 7.89
N THR B 84 -42.97 13.35 7.63
CA THR B 84 -42.33 14.55 8.17
C THR B 84 -43.23 15.43 9.04
N ARG B 85 -44.41 14.94 9.40
CA ARG B 85 -45.32 15.75 10.20
C ARG B 85 -45.06 15.72 11.71
N GLU B 86 -44.16 14.84 12.15
CA GLU B 86 -43.81 14.75 13.56
C GLU B 86 -42.41 14.17 13.73
N PRO B 87 -41.65 14.70 14.70
CA PRO B 87 -40.26 14.34 15.06
C PRO B 87 -39.69 13.03 14.52
N PRO B 88 -40.42 11.92 14.66
CA PRO B 88 -39.87 10.65 14.14
C PRO B 88 -39.88 10.60 12.61
N PHE B 89 -39.26 11.59 11.97
CA PHE B 89 -39.20 11.66 10.50
C PHE B 89 -38.73 10.37 9.82
N TYR B 90 -39.48 9.93 8.83
CA TYR B 90 -39.19 8.71 8.08
C TYR B 90 -39.00 8.96 6.58
N ILE B 91 -38.19 8.13 5.95
CA ILE B 91 -38.00 8.16 4.50
C ILE B 91 -38.16 6.71 4.10
N ILE B 92 -39.12 6.44 3.23
CA ILE B 92 -39.47 5.10 2.81
C ILE B 92 -39.11 4.80 1.36
N THR B 93 -38.45 3.66 1.15
CA THR B 93 -38.08 3.24 -0.20
C THR B 93 -38.30 1.75 -0.37
N GLU B 94 -38.00 1.26 -1.57
CA GLU B 94 -38.11 -0.16 -1.88
C GLU B 94 -37.04 -0.88 -1.09
N PHE B 95 -37.26 -2.15 -0.79
CA PHE B 95 -36.28 -2.91 -0.03
C PHE B 95 -35.34 -3.69 -0.95
N MET B 96 -34.04 -3.39 -0.88
CA MET B 96 -33.07 -4.10 -1.70
C MET B 96 -32.65 -5.34 -0.89
N THR B 97 -33.05 -6.49 -1.38
CA THR B 97 -32.80 -7.78 -0.75
C THR B 97 -31.40 -8.14 -0.24
N TYR B 98 -30.37 -7.99 -1.08
CA TYR B 98 -29.05 -8.40 -0.66
C TYR B 98 -28.11 -7.41 0.02
N GLY B 99 -28.58 -6.21 0.33
CA GLY B 99 -27.72 -5.26 1.00
C GLY B 99 -26.69 -4.54 0.16
N ASN B 100 -25.76 -3.87 0.82
CA ASN B 100 -24.74 -3.10 0.13
C ASN B 100 -23.85 -3.94 -0.78
N LEU B 101 -23.47 -3.33 -1.90
CA LEU B 101 -22.64 -3.96 -2.92
C LEU B 101 -21.22 -4.39 -2.52
N LEU B 102 -20.59 -3.66 -1.62
CA LEU B 102 -19.23 -4.02 -1.22
C LEU B 102 -19.19 -5.37 -0.49
N ASP B 103 -20.09 -5.55 0.48
CA ASP B 103 -20.13 -6.81 1.22
C ASP B 103 -20.64 -7.94 0.33
N TYR B 104 -21.50 -7.60 -0.61
CA TYR B 104 -22.07 -8.56 -1.52
C TYR B 104 -20.94 -9.19 -2.32
N LEU B 105 -20.02 -8.36 -2.80
CA LEU B 105 -18.89 -8.82 -3.59
C LEU B 105 -17.89 -9.66 -2.79
N ARG B 106 -17.69 -9.28 -1.54
CA ARG B 106 -16.74 -10.00 -0.69
C ARG B 106 -17.27 -11.37 -0.27
N GLU B 107 -18.58 -11.52 -0.19
CA GLU B 107 -19.17 -12.76 0.28
C GLU B 107 -19.95 -13.57 -0.74
N CYS B 108 -19.83 -13.24 -2.01
CA CYS B 108 -20.59 -13.92 -3.03
C CYS B 108 -19.96 -15.20 -3.54
N ASN B 109 -20.76 -15.94 -4.30
CA ASN B 109 -20.34 -17.18 -4.93
C ASN B 109 -19.83 -16.67 -6.27
N ARG B 110 -18.51 -16.55 -6.39
CA ARG B 110 -17.92 -16.03 -7.63
C ARG B 110 -18.29 -16.82 -8.89
N GLN B 111 -18.70 -18.06 -8.72
CA GLN B 111 -19.09 -18.90 -9.86
C GLN B 111 -20.39 -18.34 -10.42
N GLU B 112 -21.18 -17.73 -9.54
CA GLU B 112 -22.44 -17.12 -9.92
C GLU B 112 -22.18 -15.66 -10.32
N VAL B 113 -21.51 -14.92 -9.44
CA VAL B 113 -21.19 -13.53 -9.74
C VAL B 113 -19.88 -13.57 -10.49
N ASN B 114 -19.93 -14.03 -11.73
CA ASN B 114 -18.75 -14.15 -12.56
C ASN B 114 -18.45 -12.84 -13.28
N ALA B 115 -17.50 -12.90 -14.22
CA ALA B 115 -17.10 -11.73 -14.98
C ALA B 115 -18.26 -11.04 -15.68
N VAL B 116 -19.07 -11.79 -16.42
CA VAL B 116 -20.16 -11.12 -17.13
C VAL B 116 -21.12 -10.39 -16.19
N VAL B 117 -21.31 -10.94 -14.99
CA VAL B 117 -22.18 -10.28 -14.03
C VAL B 117 -21.54 -8.99 -13.52
N LEU B 118 -20.25 -9.03 -13.21
CA LEU B 118 -19.56 -7.85 -12.72
C LEU B 118 -19.69 -6.75 -13.78
N LEU B 119 -19.48 -7.13 -15.03
CA LEU B 119 -19.59 -6.17 -16.12
C LEU B 119 -21.03 -5.62 -16.15
N TYR B 120 -22.00 -6.48 -15.84
CA TYR B 120 -23.39 -6.08 -15.82
C TYR B 120 -23.70 -5.10 -14.70
N MET B 121 -23.07 -5.30 -13.54
CA MET B 121 -23.32 -4.39 -12.42
C MET B 121 -22.71 -3.03 -12.72
N ALA B 122 -21.54 -3.00 -13.34
CA ALA B 122 -20.90 -1.75 -13.69
C ALA B 122 -21.77 -0.98 -14.70
N THR B 123 -22.44 -1.71 -15.59
CA THR B 123 -23.28 -1.06 -16.58
C THR B 123 -24.53 -0.45 -15.94
N GLN B 124 -25.16 -1.17 -15.02
CA GLN B 124 -26.34 -0.64 -14.34
C GLN B 124 -26.01 0.69 -13.67
N ILE B 125 -24.92 0.70 -12.90
CA ILE B 125 -24.49 1.90 -12.21
C ILE B 125 -24.22 3.07 -13.14
N SER B 126 -23.43 2.85 -14.18
CA SER B 126 -23.13 3.93 -15.12
C SER B 126 -24.42 4.43 -15.76
N SER B 127 -25.42 3.55 -15.86
CA SER B 127 -26.70 3.93 -16.45
C SER B 127 -27.42 4.92 -15.54
N ALA B 128 -27.38 4.65 -14.23
CA ALA B 128 -27.98 5.52 -13.25
C ALA B 128 -27.26 6.88 -13.27
N MET B 129 -25.92 6.84 -13.33
CA MET B 129 -25.14 8.07 -13.34
C MET B 129 -25.36 8.89 -14.63
N GLU B 130 -25.57 8.24 -15.76
CA GLU B 130 -25.81 8.99 -16.99
C GLU B 130 -27.14 9.73 -16.84
N TYR B 131 -28.04 9.14 -16.07
CA TYR B 131 -29.35 9.73 -15.83
C TYR B 131 -29.16 11.02 -15.01
N LEU B 132 -28.46 10.89 -13.88
CA LEU B 132 -28.18 12.00 -13.00
C LEU B 132 -27.45 13.12 -13.72
N GLU B 133 -26.41 12.74 -14.46
CA GLU B 133 -25.61 13.69 -15.23
C GLU B 133 -26.58 14.52 -16.07
N LYS B 134 -27.45 13.82 -16.80
CA LYS B 134 -28.43 14.44 -17.66
C LYS B 134 -29.32 15.45 -16.93
N LYS B 135 -29.71 15.12 -15.71
CA LYS B 135 -30.57 16.02 -14.93
C LYS B 135 -29.74 17.05 -14.16
N ASN B 136 -28.45 17.07 -14.43
CA ASN B 136 -27.51 17.99 -13.80
C ASN B 136 -27.39 17.86 -12.30
N PHE B 137 -27.56 16.63 -11.80
CA PHE B 137 -27.42 16.35 -10.38
C PHE B 137 -26.02 15.78 -10.13
N ILE B 138 -25.53 15.91 -8.89
CA ILE B 138 -24.23 15.31 -8.53
C ILE B 138 -24.56 14.43 -7.34
N HIS B 139 -23.78 13.37 -7.18
CA HIS B 139 -24.01 12.43 -6.10
C HIS B 139 -23.03 12.64 -4.94
N ARG B 140 -21.75 12.75 -5.27
CA ARG B 140 -20.70 13.00 -4.28
C ARG B 140 -20.43 11.93 -3.24
N ASP B 141 -21.00 10.75 -3.39
CA ASP B 141 -20.73 9.70 -2.43
C ASP B 141 -20.76 8.34 -3.13
N LEU B 142 -20.38 8.34 -4.39
CA LEU B 142 -20.38 7.13 -5.20
C LEU B 142 -19.28 6.14 -4.77
N ALA B 143 -19.70 4.93 -4.40
CA ALA B 143 -18.77 3.88 -3.97
C ALA B 143 -19.56 2.60 -3.75
N ALA B 144 -18.86 1.46 -3.73
CA ALA B 144 -19.52 0.17 -3.55
C ALA B 144 -20.38 0.05 -2.29
N ARG B 145 -19.89 0.56 -1.16
CA ARG B 145 -20.65 0.46 0.09
C ARG B 145 -21.98 1.22 0.00
N ASN B 146 -22.07 2.16 -0.94
CA ASN B 146 -23.28 2.95 -1.08
C ASN B 146 -24.23 2.46 -2.18
N CYS B 147 -23.91 1.33 -2.79
CA CYS B 147 -24.78 0.76 -3.80
C CYS B 147 -25.48 -0.42 -3.13
N LEU B 148 -26.65 -0.79 -3.64
CA LEU B 148 -27.42 -1.89 -3.06
C LEU B 148 -27.73 -2.93 -4.13
N VAL B 149 -27.97 -4.16 -3.69
CA VAL B 149 -28.23 -5.23 -4.63
C VAL B 149 -29.54 -5.93 -4.32
N GLY B 150 -30.30 -6.20 -5.37
CA GLY B 150 -31.57 -6.87 -5.23
C GLY B 150 -31.50 -8.22 -5.92
N GLU B 151 -32.64 -8.73 -6.34
CA GLU B 151 -32.72 -10.02 -7.02
C GLU B 151 -32.18 -9.90 -8.44
N ASN B 152 -31.77 -11.04 -9.01
CA ASN B 152 -31.26 -11.06 -10.38
C ASN B 152 -30.08 -10.15 -10.64
N HIS B 153 -29.22 -9.97 -9.64
CA HIS B 153 -28.06 -9.11 -9.84
C HIS B 153 -28.47 -7.69 -10.19
N LEU B 154 -29.58 -7.24 -9.61
CA LEU B 154 -30.10 -5.90 -9.82
C LEU B 154 -29.25 -5.04 -8.89
N VAL B 155 -28.66 -3.98 -9.40
CA VAL B 155 -27.87 -3.08 -8.55
C VAL B 155 -28.43 -1.67 -8.64
N LYS B 156 -28.52 -1.01 -7.49
CA LYS B 156 -29.05 0.35 -7.46
C LYS B 156 -28.24 1.28 -6.57
N VAL B 157 -27.95 2.47 -7.10
CA VAL B 157 -27.22 3.48 -6.36
C VAL B 157 -28.12 4.01 -5.25
N ALA B 158 -27.55 4.22 -4.08
CA ALA B 158 -28.30 4.74 -2.94
C ALA B 158 -27.51 5.89 -2.28
N ASP B 159 -27.90 6.23 -1.05
CA ASP B 159 -27.22 7.26 -0.29
C ASP B 159 -27.19 8.63 -0.99
N PHE B 160 -28.32 9.32 -0.99
CA PHE B 160 -28.45 10.61 -1.64
C PHE B 160 -28.33 11.84 -0.74
N GLY B 161 -27.98 11.62 0.52
CA GLY B 161 -27.84 12.72 1.45
C GLY B 161 -26.93 13.85 0.98
N LEU B 162 -25.90 13.53 0.21
CA LEU B 162 -24.95 14.53 -0.29
C LEU B 162 -25.27 15.00 -1.71
N SER B 163 -26.31 14.43 -2.31
CA SER B 163 -26.69 14.80 -3.67
C SER B 163 -27.17 16.24 -3.77
N ARG B 164 -26.93 16.86 -4.91
CA ARG B 164 -27.33 18.25 -5.10
C ARG B 164 -27.68 18.54 -6.55
N LEU B 165 -28.71 19.35 -6.75
CA LEU B 165 -29.09 19.75 -8.10
C LEU B 165 -28.24 20.97 -8.35
N MET B 166 -27.38 20.91 -9.35
CA MET B 166 -26.52 22.05 -9.65
C MET B 166 -27.17 23.06 -10.57
N THR B 167 -26.91 24.33 -10.30
CA THR B 167 -27.43 25.42 -11.09
C THR B 167 -26.36 25.78 -12.12
N GLY B 168 -25.13 25.41 -11.80
CA GLY B 168 -24.01 25.64 -12.69
C GLY B 168 -23.32 24.32 -12.96
N ASP B 169 -22.01 24.35 -13.15
CA ASP B 169 -21.24 23.14 -13.42
C ASP B 169 -20.46 22.66 -12.19
N THR B 170 -20.24 23.57 -11.25
CA THR B 170 -19.50 23.26 -10.04
C THR B 170 -20.32 23.49 -8.77
N PTR B 171 -20.01 22.73 -7.74
CA PTR B 171 -20.68 22.87 -6.45
C PTR B 171 -19.59 22.97 -5.39
O PTR B 171 -18.73 22.09 -5.31
CB PTR B 171 -21.55 21.66 -6.14
CG PTR B 171 -22.19 21.74 -4.78
CD1 PTR B 171 -23.38 22.44 -4.59
CD2 PTR B 171 -21.58 21.18 -3.66
CE1 PTR B 171 -23.94 22.55 -3.34
CE2 PTR B 171 -22.14 21.30 -2.40
CZ PTR B 171 -23.32 21.99 -2.24
OH PTR B 171 -23.89 22.10 -1.00
N THR B 172 -19.63 24.03 -4.60
CA THR B 172 -18.63 24.21 -3.56
C THR B 172 -19.16 23.75 -2.22
N ALA B 173 -18.50 22.78 -1.62
CA ALA B 173 -18.93 22.26 -0.33
C ALA B 173 -18.66 23.31 0.75
N HIS B 174 -19.39 23.22 1.85
CA HIS B 174 -19.22 24.16 2.95
C HIS B 174 -18.36 23.57 4.05
N ALA B 175 -17.49 22.63 3.67
CA ALA B 175 -16.59 21.98 4.61
C ALA B 175 -17.30 21.57 5.90
N GLY B 176 -18.63 21.48 5.82
CA GLY B 176 -19.40 21.09 6.98
C GLY B 176 -19.47 19.58 7.00
N ALA B 177 -19.02 18.97 5.91
CA ALA B 177 -19.03 17.52 5.75
C ALA B 177 -17.73 17.07 5.11
N LYS B 178 -17.27 15.88 5.47
CA LYS B 178 -16.03 15.36 4.91
C LYS B 178 -16.24 14.35 3.80
N PHE B 179 -15.15 13.96 3.14
CA PHE B 179 -15.23 13.03 2.03
C PHE B 179 -14.13 11.97 2.05
N PRO B 180 -14.49 10.72 1.74
CA PRO B 180 -13.55 9.61 1.70
C PRO B 180 -12.44 9.93 0.69
N ILE B 181 -11.22 10.07 1.20
CA ILE B 181 -10.07 10.42 0.38
C ILE B 181 -9.79 9.52 -0.84
N LYS B 182 -9.86 8.21 -0.65
CA LYS B 182 -9.55 7.31 -1.76
C LYS B 182 -10.56 7.25 -2.91
N TRP B 183 -11.72 7.88 -2.72
CA TRP B 183 -12.77 7.89 -3.75
C TRP B 183 -13.00 9.30 -4.32
N THR B 184 -12.33 10.30 -3.75
CA THR B 184 -12.52 11.69 -4.15
C THR B 184 -11.52 12.24 -5.15
N ALA B 185 -12.03 12.89 -6.19
CA ALA B 185 -11.17 13.48 -7.21
C ALA B 185 -10.21 14.51 -6.61
N PRO B 186 -9.01 14.63 -7.20
CA PRO B 186 -7.94 15.54 -6.79
C PRO B 186 -8.46 16.97 -6.56
N GLU B 187 -9.19 17.49 -7.54
CA GLU B 187 -9.73 18.84 -7.47
C GLU B 187 -10.65 19.00 -6.25
N SER B 188 -11.37 17.93 -5.91
CA SER B 188 -12.30 17.96 -4.78
C SER B 188 -11.58 17.95 -3.43
N LEU B 189 -10.43 17.29 -3.38
CA LEU B 189 -9.66 17.24 -2.13
C LEU B 189 -8.96 18.59 -1.92
N ALA B 190 -8.49 19.18 -3.00
CA ALA B 190 -7.78 20.46 -2.93
C ALA B 190 -8.68 21.69 -2.75
N TYR B 191 -9.76 21.77 -3.53
CA TYR B 191 -10.66 22.92 -3.48
C TYR B 191 -12.03 22.69 -2.85
N ASN B 192 -12.35 21.45 -2.54
CA ASN B 192 -13.65 21.14 -1.96
C ASN B 192 -14.74 21.53 -2.96
N LYS B 193 -14.42 21.41 -4.24
CA LYS B 193 -15.36 21.72 -5.30
C LYS B 193 -15.74 20.42 -6.00
N PHE B 194 -17.03 20.22 -6.23
CA PHE B 194 -17.50 19.00 -6.87
C PHE B 194 -18.26 19.25 -8.17
N SER B 195 -18.24 18.26 -9.03
CA SER B 195 -18.93 18.34 -10.31
C SER B 195 -19.26 16.92 -10.78
N ILE B 196 -19.89 16.83 -11.95
CA ILE B 196 -20.21 15.52 -12.50
C ILE B 196 -18.89 14.81 -12.82
N LYS B 197 -17.86 15.58 -13.11
CA LYS B 197 -16.54 15.02 -13.40
C LYS B 197 -15.91 14.37 -12.17
N SER B 198 -16.19 14.88 -10.98
CA SER B 198 -15.62 14.25 -9.79
C SER B 198 -16.40 12.97 -9.47
N ASP B 199 -17.67 12.89 -9.88
CA ASP B 199 -18.43 11.67 -9.69
C ASP B 199 -17.87 10.64 -10.67
N VAL B 200 -17.42 11.11 -11.84
CA VAL B 200 -16.86 10.18 -12.82
C VAL B 200 -15.61 9.53 -12.24
N TRP B 201 -14.78 10.33 -11.57
CA TRP B 201 -13.57 9.81 -10.97
C TRP B 201 -13.92 8.70 -9.95
N ALA B 202 -14.85 9.00 -9.05
CA ALA B 202 -15.24 8.03 -8.03
C ALA B 202 -15.81 6.77 -8.70
N PHE B 203 -16.47 6.96 -9.84
CA PHE B 203 -17.05 5.82 -10.55
C PHE B 203 -15.91 4.91 -10.96
N GLY B 204 -14.80 5.51 -11.39
CA GLY B 204 -13.64 4.74 -11.79
C GLY B 204 -13.13 3.91 -10.62
N VAL B 205 -13.22 4.47 -9.41
CA VAL B 205 -12.76 3.75 -8.23
C VAL B 205 -13.74 2.62 -7.93
N LEU B 206 -15.03 2.92 -8.10
CA LEU B 206 -16.08 1.91 -7.88
C LEU B 206 -15.87 0.75 -8.85
N LEU B 207 -15.53 1.07 -10.09
CA LEU B 207 -15.26 0.02 -11.09
C LEU B 207 -14.18 -0.90 -10.54
N TRP B 208 -13.12 -0.30 -10.02
CA TRP B 208 -12.01 -1.06 -9.46
C TRP B 208 -12.47 -1.96 -8.31
N GLU B 209 -13.34 -1.45 -7.45
CA GLU B 209 -13.87 -2.24 -6.33
C GLU B 209 -14.64 -3.44 -6.87
N ILE B 210 -15.40 -3.20 -7.94
CA ILE B 210 -16.17 -4.25 -8.57
C ILE B 210 -15.25 -5.31 -9.17
N ALA B 211 -14.25 -4.86 -9.94
CA ALA B 211 -13.31 -5.77 -10.58
C ALA B 211 -12.48 -6.62 -9.60
N THR B 212 -12.27 -6.12 -8.38
CA THR B 212 -11.48 -6.84 -7.38
C THR B 212 -12.34 -7.57 -6.35
N TYR B 213 -13.64 -7.62 -6.58
CA TYR B 213 -14.56 -8.27 -5.65
C TYR B 213 -14.57 -7.62 -4.26
N GLY B 214 -14.43 -6.30 -4.23
CA GLY B 214 -14.48 -5.60 -2.97
C GLY B 214 -13.22 -5.32 -2.19
N MET B 215 -12.08 -5.23 -2.88
CA MET B 215 -10.83 -4.90 -2.21
C MET B 215 -10.90 -3.42 -1.83
N SER B 216 -10.09 -3.01 -0.88
CA SER B 216 -10.06 -1.61 -0.46
C SER B 216 -9.10 -0.95 -1.46
N PRO B 217 -9.47 0.24 -1.97
CA PRO B 217 -8.66 0.99 -2.95
C PRO B 217 -7.26 1.35 -2.40
N TYR B 218 -6.28 1.42 -3.31
CA TYR B 218 -4.90 1.72 -2.93
C TYR B 218 -4.54 0.94 -1.67
N PRO B 219 -4.67 -0.40 -1.72
CA PRO B 219 -4.38 -1.27 -0.58
C PRO B 219 -2.95 -1.15 -0.06
N GLY B 220 -2.84 -0.83 1.23
CA GLY B 220 -1.54 -0.69 1.85
C GLY B 220 -0.93 0.71 1.79
N ILE B 221 -1.56 1.61 1.05
CA ILE B 221 -1.03 2.96 0.91
C ILE B 221 -1.67 3.91 1.93
N ASP B 222 -0.83 4.65 2.64
CA ASP B 222 -1.31 5.58 3.65
C ASP B 222 -2.07 6.74 3.02
N LEU B 223 -3.20 7.09 3.63
CA LEU B 223 -4.05 8.17 3.14
C LEU B 223 -3.29 9.45 2.85
N SER B 224 -2.40 9.82 3.75
CA SER B 224 -1.62 11.04 3.59
C SER B 224 -0.79 11.07 2.32
N GLN B 225 -0.64 9.93 1.66
CA GLN B 225 0.17 9.86 0.46
C GLN B 225 -0.61 9.85 -0.86
N VAL B 226 -1.91 9.60 -0.79
CA VAL B 226 -2.75 9.51 -1.99
C VAL B 226 -2.70 10.69 -2.95
N TYR B 227 -3.04 11.88 -2.47
CA TYR B 227 -3.02 13.06 -3.34
C TYR B 227 -1.65 13.22 -3.98
N GLU B 228 -0.63 13.20 -3.13
CA GLU B 228 0.76 13.32 -3.56
C GLU B 228 1.02 12.33 -4.69
N LEU B 229 0.67 11.07 -4.46
CA LEU B 229 0.86 10.03 -5.45
C LEU B 229 0.10 10.32 -6.74
N LEU B 230 -1.19 10.62 -6.62
CA LEU B 230 -2.00 10.91 -7.79
C LEU B 230 -1.45 12.07 -8.60
N GLU B 231 -0.93 13.08 -7.90
CA GLU B 231 -0.36 14.23 -8.58
C GLU B 231 0.89 13.86 -9.38
N LYS B 232 1.59 12.82 -8.94
CA LYS B 232 2.81 12.36 -9.62
C LYS B 232 2.48 11.31 -10.68
N ASP B 233 1.18 11.22 -11.02
CA ASP B 233 0.69 10.29 -12.03
C ASP B 233 0.54 8.84 -11.64
N TYR B 234 0.64 8.55 -10.35
CA TYR B 234 0.46 7.19 -9.91
C TYR B 234 -1.02 6.83 -10.09
N ARG B 235 -1.29 5.59 -10.49
CA ARG B 235 -2.68 5.13 -10.67
C ARG B 235 -2.72 3.63 -10.37
N MET B 236 -3.77 3.17 -9.68
CA MET B 236 -3.89 1.75 -9.39
C MET B 236 -3.74 0.98 -10.69
N GLU B 237 -3.18 -0.22 -10.61
CA GLU B 237 -2.99 -1.02 -11.81
C GLU B 237 -4.14 -1.98 -12.09
N ARG B 238 -4.14 -2.56 -13.28
CA ARG B 238 -5.20 -3.49 -13.67
C ARG B 238 -5.31 -4.66 -12.71
N PRO B 239 -6.51 -4.89 -12.17
CA PRO B 239 -6.74 -5.99 -11.22
C PRO B 239 -6.63 -7.30 -11.99
N GLU B 240 -6.06 -8.34 -11.36
CA GLU B 240 -5.92 -9.62 -12.02
C GLU B 240 -7.27 -10.09 -12.55
N GLY B 241 -7.33 -10.34 -13.86
CA GLY B 241 -8.56 -10.82 -14.47
C GLY B 241 -9.43 -9.75 -15.12
N CYS B 242 -9.07 -8.48 -14.93
CA CYS B 242 -9.84 -7.37 -15.48
C CYS B 242 -9.47 -7.10 -16.94
N PRO B 243 -10.46 -7.20 -17.85
CA PRO B 243 -10.22 -6.95 -19.27
C PRO B 243 -9.62 -5.59 -19.63
N GLU B 244 -8.70 -5.63 -20.58
CA GLU B 244 -8.00 -4.48 -21.11
C GLU B 244 -8.91 -3.25 -21.28
N LYS B 245 -9.96 -3.41 -22.07
CA LYS B 245 -10.89 -2.31 -22.34
C LYS B 245 -11.53 -1.71 -21.10
N VAL B 246 -11.86 -2.56 -20.13
CA VAL B 246 -12.47 -2.08 -18.90
C VAL B 246 -11.47 -1.29 -18.07
N TYR B 247 -10.21 -1.71 -18.09
CA TYR B 247 -9.18 -0.99 -17.34
C TYR B 247 -8.97 0.39 -17.96
N GLU B 248 -9.02 0.44 -19.29
CA GLU B 248 -8.85 1.68 -20.02
C GLU B 248 -9.87 2.72 -19.56
N LEU B 249 -11.12 2.31 -19.38
CA LEU B 249 -12.16 3.22 -18.91
C LEU B 249 -11.79 3.73 -17.53
N MET B 250 -11.31 2.81 -16.69
CA MET B 250 -10.90 3.15 -15.34
C MET B 250 -9.90 4.30 -15.42
N ARG B 251 -8.88 4.14 -16.26
CA ARG B 251 -7.85 5.16 -16.44
C ARG B 251 -8.40 6.46 -17.00
N ALA B 252 -9.38 6.36 -17.89
CA ALA B 252 -9.96 7.56 -18.48
C ALA B 252 -10.72 8.30 -17.36
N CYS B 253 -11.36 7.55 -16.46
CA CYS B 253 -12.09 8.16 -15.36
C CYS B 253 -11.14 8.88 -14.42
N TRP B 254 -9.89 8.41 -14.36
CA TRP B 254 -8.90 9.01 -13.48
C TRP B 254 -7.96 10.03 -14.14
N GLN B 255 -8.41 10.70 -15.20
CA GLN B 255 -7.56 11.71 -15.80
C GLN B 255 -7.41 12.83 -14.78
N TRP B 256 -6.22 13.41 -14.68
CA TRP B 256 -6.00 14.46 -13.69
C TRP B 256 -6.91 15.67 -13.94
N ASN B 257 -6.96 16.12 -15.18
CA ASN B 257 -7.79 17.25 -15.54
C ASN B 257 -9.21 16.73 -15.74
N PRO B 258 -10.15 17.17 -14.91
CA PRO B 258 -11.52 16.72 -15.04
C PRO B 258 -12.11 16.84 -16.44
N SER B 259 -11.70 17.85 -17.20
CA SER B 259 -12.25 18.00 -18.53
C SER B 259 -11.80 16.88 -19.46
N ASP B 260 -10.75 16.14 -19.08
CA ASP B 260 -10.27 15.05 -19.89
C ASP B 260 -11.01 13.73 -19.60
N ARG B 261 -11.85 13.72 -18.58
CA ARG B 261 -12.59 12.50 -18.24
C ARG B 261 -13.81 12.34 -19.13
N PRO B 262 -14.21 11.10 -19.42
CA PRO B 262 -15.38 10.86 -20.26
C PRO B 262 -16.64 11.17 -19.46
N SER B 263 -17.74 11.44 -20.16
CA SER B 263 -19.00 11.73 -19.50
C SER B 263 -19.63 10.38 -19.18
N PHE B 264 -20.64 10.37 -18.32
CA PHE B 264 -21.30 9.12 -17.99
C PHE B 264 -22.00 8.52 -19.20
N ALA B 265 -22.43 9.38 -20.13
CA ALA B 265 -23.10 8.92 -21.34
C ALA B 265 -22.09 8.11 -22.15
N GLU B 266 -20.88 8.66 -22.32
CA GLU B 266 -19.83 7.98 -23.07
C GLU B 266 -19.44 6.68 -22.38
N ILE B 267 -19.40 6.70 -21.05
CA ILE B 267 -19.04 5.50 -20.29
C ILE B 267 -20.11 4.45 -20.46
N HIS B 268 -21.36 4.85 -20.26
CA HIS B 268 -22.44 3.90 -20.41
C HIS B 268 -22.47 3.31 -21.83
N GLN B 269 -22.21 4.15 -22.83
CA GLN B 269 -22.18 3.67 -24.21
C GLN B 269 -21.05 2.66 -24.40
N ALA B 270 -19.92 2.93 -23.74
CA ALA B 270 -18.77 2.04 -23.83
C ALA B 270 -19.09 0.66 -23.26
N PHE B 271 -19.90 0.62 -22.20
CA PHE B 271 -20.25 -0.66 -21.59
C PHE B 271 -21.25 -1.45 -22.43
N GLU B 272 -22.21 -0.75 -23.04
CA GLU B 272 -23.21 -1.41 -23.87
C GLU B 272 -22.53 -1.97 -25.11
N THR B 273 -21.62 -1.19 -25.69
CA THR B 273 -20.89 -1.60 -26.87
C THR B 273 -20.08 -2.85 -26.60
N MET B 274 -19.56 -2.97 -25.39
CA MET B 274 -18.77 -4.14 -25.02
C MET B 274 -19.58 -5.41 -25.11
N PHE B 275 -20.78 -5.41 -24.52
CA PHE B 275 -21.62 -6.60 -24.56
C PHE B 275 -21.91 -7.04 -25.99
N GLN B 276 -20.98 -7.81 -26.53
CA GLN B 276 -21.06 -8.34 -27.88
C GLN B 276 -20.59 -9.78 -27.76
N GLU B 277 -20.78 -10.31 -26.55
CA GLU B 277 -20.38 -11.67 -26.21
C GLU B 277 -21.35 -12.72 -26.76
C1 1N1 C . 25.87 -14.79 11.22
C2 1N1 C . 25.26 -15.28 10.14
C3 1N1 C . 25.82 -15.48 8.76
N6 1N1 C . 16.47 -16.06 16.85
C7 1N1 C . 28.75 -15.36 4.65
C8 1N1 C . 28.24 -14.17 5.20
C9 1N1 C . 27.66 -14.16 6.47
C10 1N1 C . 27.19 -12.87 7.05
C11 1N1 C . 21.48 -15.95 12.89
C12 1N1 C . 20.67 -16.09 14.03
C13 1N1 C . 19.35 -16.58 13.82
C14 1N1 C . 19.78 -16.74 11.52
C15 1N1 C . 19.36 -17.15 10.14
C16 1N1 C . 17.09 -17.32 14.73
C19 1N1 C . 18.83 -16.52 16.33
C20 1N1 C . 15.55 -15.05 17.40
C21 1N1 C . 15.57 -14.89 18.94
N 1N1 C . 22.75 -15.48 13.04
C 1N1 C . 23.73 -15.30 12.10
N1 1N1 C . 24.97 -14.86 12.38
S 1N1 C . 23.62 -15.69 10.39
N2 1N1 C . 27.12 -15.32 8.49
C4 1N1 C . 27.58 -15.35 7.21
C5 1N1 C . 28.04 -16.54 6.62
C6 1N1 C . 28.64 -16.57 5.34
CL 1N1 C . 27.87 -18.06 7.42
O 1N1 C . 24.98 -15.81 7.92
N3 1N1 C . 18.94 -16.90 12.55
N4 1N1 C . 21.01 -16.27 11.66
N5 1N1 C . 18.46 -16.80 14.93
C17 1N1 C . 16.05 -16.45 15.48
C18 1N1 C . 17.84 -15.52 16.93
O1 1N1 C . 16.36 -15.85 19.60
C1 1N1 D . -33.07 0.00 0.75
C2 1N1 D . -32.33 0.69 1.65
C3 1N1 D . -32.28 2.17 1.87
N6 1N1 D . -28.01 -9.34 4.32
C7 1N1 D . -32.89 7.18 1.69
C8 1N1 D . -32.11 6.55 0.72
C9 1N1 D . -32.13 5.16 0.57
C10 1N1 D . -31.24 4.57 -0.48
C11 1N1 D . -30.67 -3.56 2.97
C12 1N1 D . -30.49 -4.96 3.09
C13 1N1 D . -29.51 -5.40 4.02
C14 1N1 D . -29.04 -3.16 4.56
C15 1N1 D . -28.24 -2.12 5.28
C16 1N1 D . -28.61 -7.16 5.51
C19 1N1 D . -29.99 -7.86 3.59
C20 1N1 D . -26.86 -9.56 3.41
C21 1N1 D . -26.91 -10.69 2.37
N 1N1 D . -31.58 -3.07 2.08
C 1N1 D . -31.98 -1.79 1.87
N1 1N1 D . -32.93 -1.46 0.98
S 1N1 D . -31.34 -0.31 2.62
N2 1N1 D . -33.09 3.03 1.27
C4 1N1 D . -32.96 4.37 1.43
C5 1N1 D . -33.66 5.04 2.43
C6 1N1 D . -33.63 6.41 2.56
CL 1N1 D . -34.64 4.17 3.56
O 1N1 D . -31.41 2.52 2.67
N3 1N1 D . -28.79 -4.47 4.74
N4 1N1 D . -29.94 -2.71 3.69
N5 1N1 D . -29.18 -6.78 4.19
C17 1N1 D . -27.65 -8.33 5.35
C18 1N1 D . -29.35 -9.24 3.67
O1 1N1 D . -26.21 -10.36 1.18
C1 GOL E . -2.55 0.25 -6.49
O1 GOL E . -3.04 0.38 -5.16
C2 GOL E . -2.70 -1.18 -6.98
O2 GOL E . -2.33 -1.21 -8.36
C3 GOL E . -1.87 -2.24 -6.23
O3 GOL E . -0.47 -1.98 -6.40
#